data_1SQO
#
_entry.id   1SQO
#
_cell.length_a   55.160
_cell.length_b   53.000
_cell.length_c   82.300
_cell.angle_alpha   90.00
_cell.angle_beta   90.00
_cell.angle_gamma   90.00
#
_symmetry.space_group_name_H-M   'P 21 21 21'
#
loop_
_entity.id
_entity.type
_entity.pdbx_description
1 polymer 'Urokinase-type plasminogen activator'
2 non-polymer 'SULFATE ION'
3 non-polymer 8-(PYRIMIDIN-2-YLAMINO)NAPHTHALENE-2-CARBOXIMIDAMIDE
4 water water
#
_entity_poly.entity_id   1
_entity_poly.type   'polypeptide(L)'
_entity_poly.pdbx_seq_one_letter_code
;IIGGEFTTIENQPWFAAIYRRHRGGSVTYVCGGSLMSPCWVISATHCFIDYPKKEDYIVYLGRSRLNSNTQGEMKFEVEN
LILHKDYSADTLAHHNDIALLKIRSKEGRCAQPSRTIQTICLPSMYNDPQFGTSCEITGFGKEQSTDYLYPEQLKMTVVK
LISHRECQQPHYYGSEVTTKMLCAADPQWKTDSCQGDSGGPLVCSLQGRMTLTGIVSWGRGCALKDKPGVYTRVSHFLPW
IRSHT
;
_entity_poly.pdbx_strand_id   A
#
loop_
_chem_comp.id
_chem_comp.type
_chem_comp.name
_chem_comp.formula
SO4 non-polymer 'SULFATE ION' 'O4 S -2'
UI2 non-polymer 8-(PYRIMIDIN-2-YLAMINO)NAPHTHALENE-2-CARBOXIMIDAMIDE 'C15 H13 N5'
#
# COMPACT_ATOMS: atom_id res chain seq x y z
N ILE A 1 -8.50 -0.94 7.87
CA ILE A 1 -9.52 -1.67 7.02
C ILE A 1 -10.86 -1.68 7.78
N ILE A 2 -11.90 -1.08 7.14
CA ILE A 2 -13.22 -1.04 7.71
C ILE A 2 -13.88 -2.39 7.29
N GLY A 3 -14.48 -3.09 8.26
CA GLY A 3 -15.10 -4.38 7.98
C GLY A 3 -14.04 -5.43 7.68
N GLY A 4 -14.32 -6.37 6.72
CA GLY A 4 -13.36 -7.40 6.38
C GLY A 4 -13.13 -8.35 7.55
N GLU A 5 -11.97 -8.92 7.66
CA GLU A 5 -11.69 -9.81 8.72
C GLU A 5 -10.22 -9.78 9.12
N PHE A 6 -9.98 -10.28 10.30
CA PHE A 6 -8.63 -10.36 10.81
C PHE A 6 -7.92 -11.46 10.02
N THR A 7 -6.63 -11.30 9.82
CA THR A 7 -5.86 -12.27 9.07
C THR A 7 -4.46 -12.36 9.71
N THR A 8 -3.53 -13.16 9.07
CA THR A 8 -2.12 -13.33 9.56
C THR A 8 -1.24 -13.18 8.32
N ILE A 9 0.07 -12.93 8.51
CA ILE A 9 1.00 -12.70 7.44
C ILE A 9 1.16 -13.83 6.44
N GLU A 10 0.92 -15.08 6.85
CA GLU A 10 1.07 -16.23 5.88
C GLU A 10 0.05 -16.08 4.72
N ASN A 11 -1.06 -15.32 4.98
CA ASN A 11 -2.13 -15.07 3.92
C ASN A 11 -1.75 -13.90 2.99
N GLN A 12 -0.81 -13.02 3.41
CA GLN A 12 -0.33 -11.87 2.54
C GLN A 12 1.15 -11.70 2.82
N PRO A 13 1.95 -12.63 2.34
CA PRO A 13 3.43 -12.59 2.57
C PRO A 13 4.32 -11.58 1.85
N TRP A 14 3.74 -10.77 0.91
CA TRP A 14 4.49 -9.70 0.21
C TRP A 14 4.26 -8.39 1.00
N PHE A 15 3.48 -8.44 2.08
CA PHE A 15 3.16 -7.23 2.86
C PHE A 15 4.29 -6.78 3.78
N ALA A 16 4.65 -5.53 3.65
CA ALA A 16 5.76 -4.95 4.50
C ALA A 16 5.16 -3.98 5.50
N ALA A 17 5.55 -4.10 6.81
CA ALA A 17 5.06 -3.22 7.85
C ALA A 17 6.15 -2.17 8.06
N ILE A 18 5.89 -0.86 7.73
CA ILE A 18 6.93 0.18 7.83
C ILE A 18 6.69 1.06 9.06
N TYR A 19 7.75 1.13 9.93
CA TYR A 19 7.72 1.88 11.16
C TYR A 19 8.74 2.99 11.15
N ARG A 20 8.55 3.97 12.05
CA ARG A 20 9.49 5.12 12.18
C ARG A 20 9.92 5.29 13.64
N ARG A 21 11.23 5.45 13.83
CA ARG A 21 11.81 5.63 15.17
C ARG A 21 11.89 7.13 15.44
N HIS A 22 11.52 7.51 16.60
CA HIS A 22 11.55 8.92 17.01
C HIS A 22 12.68 9.16 18.01
N ARG A 23 13.19 10.43 18.11
CA ARG A 23 14.25 10.73 19.13
C ARG A 23 13.63 10.35 20.48
N GLY A 24 14.35 9.63 21.30
CA GLY A 24 13.81 9.20 22.58
C GLY A 24 13.54 7.71 22.60
N GLY A 25 13.51 7.11 21.39
CA GLY A 25 13.29 5.67 21.29
C GLY A 25 11.91 5.10 21.01
N SER A 26 10.83 5.90 20.97
CA SER A 26 9.55 5.30 20.70
C SER A 26 9.47 4.99 19.20
N VAL A 27 8.77 3.89 18.88
CA VAL A 27 8.62 3.49 17.50
C VAL A 27 7.13 3.47 17.19
N THR A 28 6.74 4.01 16.05
CA THR A 28 5.31 4.05 15.72
C THR A 28 5.09 3.52 14.31
N TYR A 29 3.89 3.03 14.03
CA TYR A 29 3.63 2.51 12.73
C TYR A 29 3.43 3.66 11.74
N VAL A 30 3.93 3.49 10.49
CA VAL A 30 3.83 4.55 9.42
C VAL A 30 2.85 4.16 8.30
N CYS A 31 3.19 3.09 7.56
CA CYS A 31 2.37 2.65 6.40
C CYS A 31 2.76 1.24 6.03
N GLY A 32 1.96 0.67 5.11
CA GLY A 32 2.29 -0.65 4.59
C GLY A 32 3.13 -0.43 3.34
N GLY A 33 3.55 -1.51 2.78
CA GLY A 33 4.35 -1.49 1.57
C GLY A 33 4.27 -2.92 0.99
N SER A 34 4.87 -3.11 -0.21
CA SER A 34 4.89 -4.43 -0.91
C SER A 34 6.31 -4.79 -1.38
N LEU A 35 6.73 -6.06 -1.14
CA LEU A 35 8.08 -6.54 -1.60
C LEU A 35 7.99 -6.92 -3.08
N MET A 36 8.69 -6.18 -4.03
CA MET A 36 8.65 -6.51 -5.47
C MET A 36 9.86 -7.33 -5.88
N SER A 37 10.95 -7.26 -5.04
CA SER A 37 12.16 -7.99 -5.33
C SER A 37 12.83 -8.12 -3.96
N PRO A 38 13.73 -9.09 -3.82
CA PRO A 38 14.36 -9.25 -2.54
C PRO A 38 14.90 -7.97 -1.85
N CYS A 39 15.45 -7.05 -2.63
CA CYS A 39 16.05 -5.85 -2.09
C CYS A 39 15.15 -4.62 -2.19
N TRP A 40 13.96 -4.72 -2.78
CA TRP A 40 13.15 -3.55 -2.98
C TRP A 40 11.69 -3.61 -2.53
N VAL A 41 11.28 -2.60 -1.73
CA VAL A 41 9.88 -2.50 -1.26
C VAL A 41 9.29 -1.25 -1.97
N ILE A 42 8.00 -1.33 -2.47
CA ILE A 42 7.39 -0.16 -3.16
C ILE A 42 6.24 0.29 -2.25
N SER A 43 6.15 1.61 -2.07
CA SER A 43 5.15 2.18 -1.24
C SER A 43 4.68 3.49 -1.89
N ALA A 44 4.16 4.37 -1.04
CA ALA A 44 3.64 5.63 -1.46
C ALA A 44 4.54 6.79 -0.98
N THR A 45 4.94 7.66 -1.86
CA THR A 45 5.83 8.81 -1.45
C THR A 45 5.21 9.65 -0.30
N HIS A 46 3.84 9.83 -0.23
CA HIS A 46 3.18 10.64 0.85
C HIS A 46 3.47 10.16 2.26
N CYS A 47 3.88 8.90 2.39
CA CYS A 47 4.16 8.32 3.72
C CYS A 47 5.51 8.80 4.30
N PHE A 48 6.39 9.28 3.44
CA PHE A 48 7.83 9.68 3.85
C PHE A 48 8.21 11.12 3.52
N ILE A 49 7.46 11.77 2.61
CA ILE A 49 7.82 13.17 2.13
C ILE A 49 8.14 14.20 3.22
N ASP A 50 7.49 14.13 4.33
CA ASP A 50 7.74 15.11 5.43
C ASP A 50 8.90 14.66 6.35
N TYR A 51 9.33 13.38 6.26
CA TYR A 51 10.50 12.86 7.11
C TYR A 51 11.30 12.00 6.09
N PRO A 52 11.97 12.64 5.14
CA PRO A 52 12.73 11.91 4.11
C PRO A 52 14.13 11.41 4.43
N LYS A 53 14.35 11.03 5.67
CA LYS A 53 15.68 10.51 6.16
C LYS A 53 15.60 8.99 6.21
N LYS A 54 16.28 8.34 5.34
CA LYS A 54 16.25 6.88 5.25
C LYS A 54 16.59 6.18 6.57
N GLU A 55 17.46 6.77 7.37
CA GLU A 55 17.89 6.17 8.63
C GLU A 55 16.79 6.03 9.68
N ASP A 56 15.69 6.79 9.54
CA ASP A 56 14.59 6.73 10.53
C ASP A 56 13.69 5.52 10.44
N TYR A 57 13.67 4.88 9.31
CA TYR A 57 12.75 3.76 9.09
C TYR A 57 13.17 2.34 9.43
N ILE A 58 12.17 1.57 9.87
CA ILE A 58 12.33 0.13 10.20
C ILE A 58 11.28 -0.57 9.34
N VAL A 59 11.72 -1.57 8.60
CA VAL A 59 10.81 -2.35 7.77
C VAL A 59 10.80 -3.82 8.24
N TYR A 60 9.60 -4.37 8.50
CA TYR A 60 9.45 -5.75 8.85
C TYR A 60 8.74 -6.50 7.71
N LEU A 61 9.18 -7.83 7.51
CA LEU A 61 8.57 -8.70 6.58
C LEU A 61 8.17 -9.86 7.51
N GLY A 62 7.14 -10.60 7.18
CA GLY A 62 6.73 -11.73 8.01
C GLY A 62 6.13 -11.40 9.36
N ARG A 63 5.54 -10.21 9.51
CA ARG A 63 4.93 -9.78 10.75
C ARG A 63 3.39 -9.71 10.69
N SER A 64 2.71 -10.34 11.66
CA SER A 64 1.22 -10.38 11.73
C SER A 64 0.52 -9.46 12.77
N ARG A 65 1.26 -8.92 13.74
CA ARG A 65 0.65 -8.06 14.74
C ARG A 65 1.45 -6.81 14.88
N LEU A 66 0.78 -5.79 15.31
CA LEU A 66 1.39 -4.53 15.38
C LEU A 66 2.45 -4.45 16.47
N ASN A 67 2.26 -5.21 17.54
CA ASN A 67 3.21 -5.19 18.70
C ASN A 67 3.56 -6.59 19.24
N SER A 68 3.99 -7.44 18.36
CA SER A 68 4.39 -8.75 18.72
C SER A 68 5.31 -9.27 17.64
N ASN A 69 6.38 -9.86 18.07
CA ASN A 69 7.37 -10.42 17.17
C ASN A 69 6.91 -11.79 16.69
N THR A 70 6.21 -11.80 15.58
CA THR A 70 5.68 -13.03 14.98
C THR A 70 6.81 -13.99 14.58
N GLN A 71 6.63 -15.28 14.85
CA GLN A 71 7.63 -16.29 14.51
C GLN A 71 7.97 -16.16 13.02
N GLY A 72 9.25 -16.13 12.72
CA GLY A 72 9.70 -16.03 11.35
C GLY A 72 9.86 -14.65 10.74
N GLU A 73 9.51 -13.58 11.47
CA GLU A 73 9.65 -12.24 10.89
C GLU A 73 11.12 -11.88 10.73
N MET A 74 11.39 -10.88 9.93
CA MET A 74 12.75 -10.39 9.69
C MET A 74 12.70 -8.85 9.64
N LYS A 75 13.70 -8.21 10.26
CA LYS A 75 13.77 -6.74 10.34
C LYS A 75 14.89 -6.15 9.46
N PHE A 76 14.64 -4.95 8.84
CA PHE A 76 15.60 -4.34 7.99
C PHE A 76 15.62 -2.83 8.18
N GLU A 77 16.75 -2.20 7.65
CA GLU A 77 16.86 -0.84 7.64
C GLU A 77 16.79 -0.47 6.17
N VAL A 78 16.67 0.83 5.87
CA VAL A 78 16.57 1.35 4.48
C VAL A 78 17.88 1.95 3.93
N GLU A 79 18.46 1.25 2.90
CA GLU A 79 19.72 1.63 2.25
C GLU A 79 19.54 2.78 1.27
N ASN A 80 18.33 2.90 0.67
CA ASN A 80 18.09 3.97 -0.29
C ASN A 80 16.58 4.22 -0.30
N LEU A 81 16.18 5.43 -0.08
CA LEU A 81 14.74 5.82 -0.09
C LEU A 81 14.60 6.69 -1.35
N ILE A 82 13.87 6.21 -2.38
CA ILE A 82 13.69 6.91 -3.63
C ILE A 82 12.25 7.43 -3.78
N LEU A 83 12.11 8.75 -3.87
CA LEU A 83 10.78 9.38 -3.99
C LEU A 83 10.60 9.90 -5.42
N HIS A 84 9.35 9.83 -6.00
CA HIS A 84 9.17 10.30 -7.34
C HIS A 84 9.37 11.83 -7.34
N LYS A 85 10.22 12.36 -8.23
CA LYS A 85 10.53 13.81 -8.30
C LYS A 85 9.39 14.77 -8.63
N ASP A 86 8.30 14.26 -9.04
CA ASP A 86 7.14 15.10 -9.40
C ASP A 86 5.92 14.82 -8.53
N TYR A 87 6.14 14.30 -7.31
CA TYR A 87 5.07 14.03 -6.37
C TYR A 87 4.49 15.37 -5.97
N SER A 88 3.20 15.38 -5.60
CA SER A 88 2.54 16.64 -5.14
C SER A 88 1.20 16.23 -4.52
N ALA A 89 0.64 17.08 -3.63
CA ALA A 89 -0.60 16.77 -3.00
C ALA A 89 -1.53 17.97 -3.01
N ASP A 90 -2.73 17.74 -3.53
CA ASP A 90 -3.76 18.73 -3.63
C ASP A 90 -4.60 18.53 -2.36
N THR A 91 -5.83 19.11 -2.25
CA THR A 91 -6.65 18.94 -1.03
C THR A 91 -7.07 17.48 -0.80
N LEU A 92 -7.29 16.77 -1.88
CA LEU A 92 -7.69 15.38 -1.79
C LEU A 92 -6.72 14.48 -2.53
N ALA A 93 -6.51 14.83 -3.82
CA ALA A 93 -5.68 14.07 -4.72
C ALA A 93 -4.18 14.19 -4.52
N HIS A 94 -3.46 13.03 -4.57
CA HIS A 94 -1.97 12.99 -4.44
C HIS A 94 -1.50 12.52 -5.82
N HIS A 95 -0.44 13.10 -6.36
CA HIS A 95 0.06 12.77 -7.73
C HIS A 95 1.45 12.12 -7.69
N ASN A 96 1.64 11.14 -8.54
CA ASN A 96 2.95 10.39 -8.61
C ASN A 96 3.25 9.92 -7.18
N ASP A 97 2.22 9.34 -6.55
CA ASP A 97 2.27 8.84 -5.13
C ASP A 97 2.92 7.45 -5.14
N ILE A 98 4.22 7.45 -5.43
CA ILE A 98 4.97 6.13 -5.53
C ILE A 98 6.39 6.30 -5.01
N ALA A 99 6.89 5.31 -4.24
CA ALA A 99 8.25 5.38 -3.64
C ALA A 99 8.90 3.99 -3.60
N LEU A 100 10.22 3.96 -3.63
CA LEU A 100 10.98 2.68 -3.55
C LEU A 100 11.96 2.75 -2.37
N LEU A 101 12.02 1.64 -1.55
CA LEU A 101 12.92 1.56 -0.39
C LEU A 101 13.85 0.34 -0.62
N LYS A 102 15.15 0.56 -0.88
CA LYS A 102 16.10 -0.59 -1.04
C LYS A 102 16.32 -1.02 0.42
N ILE A 103 16.05 -2.27 0.77
CA ILE A 103 16.20 -2.75 2.23
C ILE A 103 17.48 -3.56 2.47
N ARG A 104 17.91 -3.66 3.71
CA ARG A 104 19.16 -4.45 4.01
C ARG A 104 19.16 -4.80 5.47
N SER A 105 19.45 -6.06 5.81
CA SER A 105 19.47 -6.47 7.22
C SER A 105 20.73 -5.86 7.83
N LYS A 106 20.90 -6.02 9.15
CA LYS A 106 22.12 -5.48 9.85
C LYS A 106 23.43 -6.12 9.34
N GLU A 107 23.26 -7.33 8.79
CA GLU A 107 24.37 -8.14 8.20
C GLU A 107 24.63 -7.79 6.75
N GLY A 108 23.77 -6.87 6.18
CA GLY A 108 23.98 -6.41 4.81
C GLY A 108 23.27 -7.17 3.69
N ARG A 109 22.34 -7.97 4.05
CA ARG A 109 21.58 -8.82 3.11
C ARG A 109 20.17 -8.35 2.81
N CYS A 110 19.66 -8.81 1.67
CA CYS A 110 18.31 -8.48 1.30
C CYS A 110 17.39 -9.55 1.89
N ALA A 111 16.11 -9.54 1.53
CA ALA A 111 15.19 -10.48 2.07
C ALA A 111 15.43 -11.93 1.59
N GLN A 112 15.18 -12.87 2.48
CA GLN A 112 15.28 -14.32 2.20
C GLN A 112 13.85 -14.87 2.09
N PRO A 113 13.42 -15.16 0.88
CA PRO A 113 12.09 -15.68 0.69
C PRO A 113 11.82 -16.92 1.56
N SER A 114 10.60 -17.03 2.14
CA SER A 114 10.21 -18.13 3.00
C SER A 114 8.68 -18.33 2.93
N ARG A 115 8.11 -19.11 3.86
CA ARG A 115 6.66 -19.38 3.88
C ARG A 115 5.85 -18.13 4.23
N THR A 116 6.44 -17.22 4.94
CA THR A 116 5.73 -15.99 5.37
C THR A 116 6.31 -14.73 4.75
N ILE A 117 7.31 -14.89 3.87
CA ILE A 117 7.93 -13.77 3.18
C ILE A 117 8.12 -14.10 1.69
N GLN A 118 7.40 -13.34 0.76
CA GLN A 118 7.46 -13.59 -0.73
C GLN A 118 7.22 -12.32 -1.57
N THR A 119 7.75 -12.25 -2.74
CA THR A 119 7.55 -11.03 -3.63
C THR A 119 6.14 -11.08 -4.29
N ILE A 120 5.72 -9.98 -4.88
CA ILE A 120 4.43 -9.89 -5.60
C ILE A 120 4.87 -9.32 -6.93
N CYS A 121 4.39 -9.92 -8.00
CA CYS A 121 4.71 -9.52 -9.36
C CYS A 121 4.11 -8.18 -9.81
N LEU A 122 4.85 -7.49 -10.62
CA LEU A 122 4.43 -6.21 -11.23
C LEU A 122 3.53 -6.49 -12.45
N PRO A 123 2.72 -5.50 -12.82
CA PRO A 123 1.82 -5.69 -13.99
C PRO A 123 2.57 -5.42 -15.30
N SER A 124 1.92 -5.79 -16.43
CA SER A 124 2.50 -5.54 -17.79
C SER A 124 1.95 -4.20 -18.30
N MET A 125 2.68 -3.55 -19.22
CA MET A 125 2.26 -2.24 -19.82
C MET A 125 0.95 -2.36 -20.58
N TYR A 126 0.05 -1.33 -20.44
CA TYR A 126 -1.28 -1.33 -21.16
C TYR A 126 -2.11 -2.60 -20.97
N ASN A 127 -2.27 -3.08 -19.76
CA ASN A 127 -3.05 -4.27 -19.52
C ASN A 127 -3.52 -4.38 -18.08
N ASP A 128 -4.43 -3.52 -17.61
CA ASP A 128 -4.94 -3.61 -16.22
C ASP A 128 -6.30 -4.34 -16.26
N PRO A 129 -6.79 -4.90 -15.14
CA PRO A 129 -8.12 -5.63 -15.14
C PRO A 129 -9.27 -4.70 -15.50
N GLN A 130 -10.39 -5.25 -16.07
CA GLN A 130 -11.53 -4.40 -16.44
C GLN A 130 -12.29 -3.92 -15.19
N PHE A 131 -13.04 -2.82 -15.35
CA PHE A 131 -13.82 -2.34 -14.25
C PHE A 131 -14.77 -3.46 -13.81
N GLY A 132 -15.04 -3.55 -12.53
CA GLY A 132 -15.90 -4.59 -12.00
C GLY A 132 -15.12 -5.74 -11.36
N THR A 133 -13.84 -5.84 -11.66
CA THR A 133 -12.98 -6.91 -11.07
C THR A 133 -12.84 -6.76 -9.55
N SER A 134 -12.92 -7.87 -8.77
CA SER A 134 -12.71 -7.79 -7.27
C SER A 134 -11.20 -7.95 -7.01
N CYS A 135 -10.71 -7.12 -6.12
CA CYS A 135 -9.28 -7.10 -5.74
C CYS A 135 -9.23 -7.02 -4.23
N GLU A 136 -8.10 -7.47 -3.61
CA GLU A 136 -8.00 -7.47 -2.17
C GLU A 136 -6.98 -6.41 -1.71
N ILE A 137 -7.17 -5.95 -0.49
CA ILE A 137 -6.29 -4.95 0.12
C ILE A 137 -5.96 -5.43 1.53
N THR A 138 -4.81 -4.99 2.08
CA THR A 138 -4.42 -5.44 3.38
C THR A 138 -3.75 -4.29 4.15
N GLY A 139 -3.92 -4.29 5.42
CA GLY A 139 -3.31 -3.26 6.24
C GLY A 139 -3.65 -3.28 7.72
N PHE A 140 -2.85 -2.47 8.52
CA PHE A 140 -3.08 -2.33 9.93
C PHE A 140 -3.86 -0.98 10.15
N GLY A 141 -4.50 -0.42 9.07
CA GLY A 141 -5.27 0.83 9.19
C GLY A 141 -6.49 0.79 10.10
N LYS A 142 -7.17 1.97 10.32
CA LYS A 142 -8.28 2.02 11.21
C LYS A 142 -9.46 1.12 10.82
N GLU A 143 -10.16 0.69 11.85
CA GLU A 143 -11.35 -0.17 11.69
C GLU A 143 -12.64 0.63 11.58
N GLN A 144 -12.61 1.84 12.04
CA GLN A 144 -13.81 2.77 11.99
C GLN A 144 -13.14 4.14 11.76
N SER A 145 -13.78 5.01 11.00
CA SER A 145 -13.20 6.33 10.71
C SER A 145 -12.96 7.17 11.99
N THR A 146 -13.78 6.99 13.02
CA THR A 146 -13.63 7.78 14.24
C THR A 146 -12.68 7.17 15.26
N ASP A 147 -12.05 6.04 14.94
CA ASP A 147 -11.10 5.45 15.89
C ASP A 147 -9.81 6.23 15.87
N TYR A 148 -9.06 6.17 16.97
CA TYR A 148 -7.77 6.88 16.96
C TYR A 148 -6.61 5.88 17.00
N LEU A 149 -6.88 4.64 17.38
CA LEU A 149 -5.80 3.60 17.43
C LEU A 149 -6.00 2.61 16.30
N TYR A 150 -4.93 1.88 15.98
CA TYR A 150 -4.96 0.87 14.94
C TYR A 150 -5.19 -0.53 15.58
N PRO A 151 -5.77 -1.47 14.80
CA PRO A 151 -5.96 -2.72 15.39
C PRO A 151 -4.60 -3.39 15.60
N GLU A 152 -4.54 -4.23 16.61
CA GLU A 152 -3.29 -4.96 16.90
C GLU A 152 -3.05 -6.09 15.91
N GLN A 153 -4.13 -6.65 15.33
CA GLN A 153 -4.00 -7.76 14.38
C GLN A 153 -4.22 -7.28 12.93
N LEU A 154 -3.41 -7.82 11.99
CA LEU A 154 -3.51 -7.44 10.55
C LEU A 154 -4.94 -7.74 10.04
N LYS A 155 -5.46 -6.95 9.07
CA LYS A 155 -6.83 -7.18 8.52
C LYS A 155 -6.74 -7.15 7.01
N MET A 156 -7.80 -7.72 6.35
CA MET A 156 -7.88 -7.74 4.90
C MET A 156 -9.36 -7.67 4.49
N THR A 157 -9.59 -7.22 3.28
CA THR A 157 -10.96 -7.17 2.73
C THR A 157 -10.90 -7.24 1.20
N VAL A 158 -12.07 -7.27 0.56
CA VAL A 158 -12.20 -7.29 -0.87
C VAL A 158 -13.09 -6.09 -1.35
N VAL A 159 -12.66 -5.46 -2.44
CA VAL A 159 -13.36 -4.29 -3.09
C VAL A 159 -13.34 -4.49 -4.64
N LYS A 160 -14.18 -3.74 -5.41
CA LYS A 160 -14.23 -3.88 -6.89
C LYS A 160 -13.72 -2.63 -7.59
N LEU A 161 -12.98 -2.80 -8.71
CA LEU A 161 -12.47 -1.69 -9.49
C LEU A 161 -13.59 -0.88 -10.13
N ILE A 162 -13.39 0.41 -10.18
CA ILE A 162 -14.39 1.41 -10.75
C ILE A 162 -13.73 2.13 -11.94
N SER A 163 -14.45 2.31 -13.12
CA SER A 163 -13.83 2.97 -14.34
C SER A 163 -13.43 4.45 -14.11
N HIS A 164 -12.57 4.99 -15.02
CA HIS A 164 -12.17 6.38 -14.89
C HIS A 164 -13.41 7.23 -15.16
N ARG A 165 -14.19 6.86 -16.16
CA ARG A 165 -15.44 7.63 -16.49
C ARG A 165 -16.35 7.75 -15.28
N GLU A 166 -16.59 6.67 -14.53
CA GLU A 166 -17.47 6.70 -13.32
C GLU A 166 -16.88 7.51 -12.17
N CYS A 167 -15.56 7.32 -11.92
CA CYS A 167 -14.92 8.01 -10.83
C CYS A 167 -14.85 9.51 -11.07
N GLN A 168 -14.88 9.97 -12.37
CA GLN A 168 -14.84 11.42 -12.69
C GLN A 168 -16.24 12.06 -12.63
N GLN A 169 -17.27 11.31 -12.22
CA GLN A 169 -18.63 11.89 -12.14
C GLN A 169 -18.62 12.95 -11.03
N PRO A 170 -19.50 13.97 -11.14
CA PRO A 170 -19.55 15.00 -10.13
C PRO A 170 -19.72 14.54 -8.68
N HIS A 171 -20.59 13.58 -8.35
CA HIS A 171 -20.76 13.16 -6.94
C HIS A 171 -19.63 12.24 -6.39
N TYR A 172 -18.84 11.75 -7.32
CA TYR A 172 -17.66 10.89 -6.99
C TYR A 172 -16.48 11.87 -6.86
N TYR A 173 -15.48 11.88 -7.75
CA TYR A 173 -14.29 12.88 -7.56
C TYR A 173 -14.09 13.95 -8.66
N GLY A 174 -15.02 14.04 -9.67
CA GLY A 174 -14.85 15.03 -10.73
C GLY A 174 -13.53 14.91 -11.48
N SER A 175 -12.94 16.05 -11.95
CA SER A 175 -11.65 16.02 -12.65
C SER A 175 -10.43 15.92 -11.72
N GLU A 176 -10.69 15.73 -10.44
CA GLU A 176 -9.64 15.60 -9.42
C GLU A 176 -8.95 14.27 -9.61
N VAL A 177 -9.65 13.28 -10.06
CA VAL A 177 -8.99 11.94 -10.24
C VAL A 177 -8.50 11.91 -11.70
N THR A 178 -7.19 11.46 -11.97
CA THR A 178 -6.62 11.44 -13.34
C THR A 178 -6.45 10.03 -13.93
N THR A 179 -6.03 9.93 -15.24
CA THR A 179 -5.83 8.60 -15.90
C THR A 179 -4.68 7.86 -15.26
N LYS A 180 -3.82 8.60 -14.49
CA LYS A 180 -2.67 7.93 -13.80
C LYS A 180 -3.12 7.34 -12.44
N MET A 181 -4.48 7.33 -12.13
CA MET A 181 -5.03 6.80 -10.84
C MET A 181 -6.14 5.77 -11.06
N LEU A 182 -6.29 4.87 -10.13
CA LEU A 182 -7.32 3.86 -10.24
C LEU A 182 -8.24 3.84 -9.03
N CYS A 183 -9.60 3.83 -9.26
CA CYS A 183 -10.56 3.77 -8.16
C CYS A 183 -11.07 2.38 -7.84
N ALA A 184 -11.44 2.17 -6.57
CA ALA A 184 -12.02 0.88 -6.10
C ALA A 184 -12.81 1.03 -4.80
N ALA A 185 -13.92 0.28 -4.68
CA ALA A 185 -14.79 0.33 -3.50
C ALA A 185 -15.82 -0.81 -3.44
N ASP A 186 -16.56 -0.87 -2.30
CA ASP A 186 -17.65 -1.85 -2.05
C ASP A 186 -18.94 -1.22 -2.63
N PRO A 187 -19.74 -1.99 -3.45
CA PRO A 187 -20.95 -1.31 -3.95
C PRO A 187 -21.91 -0.92 -2.83
N GLN A 188 -21.87 -1.62 -1.66
CA GLN A 188 -22.71 -1.31 -0.51
C GLN A 188 -22.07 -0.33 0.49
N TRP A 189 -20.83 0.11 0.19
CA TRP A 189 -20.03 1.11 1.08
C TRP A 189 -19.88 0.66 2.57
N LYS A 190 -19.74 -0.66 2.83
CA LYS A 190 -19.58 -1.20 4.19
C LYS A 190 -18.13 -1.60 4.47
N THR A 191 -17.27 -1.70 3.47
CA THR A 191 -15.90 -2.07 3.74
C THR A 191 -14.97 -1.29 2.81
N ASP A 192 -13.68 -0.98 3.29
CA ASP A 192 -12.74 -0.17 2.51
C ASP A 192 -11.37 -0.07 3.24
N SER A 193 -10.43 0.55 2.57
CA SER A 193 -9.12 0.87 3.19
C SER A 193 -9.42 2.20 3.93
N CYS A 194 -8.53 2.61 4.84
CA CYS A 194 -8.72 3.79 5.60
C CYS A 194 -7.31 4.23 6.01
N GLN A 195 -7.23 5.39 6.63
CA GLN A 195 -5.92 5.94 7.13
C GLN A 195 -5.14 4.82 7.85
N GLY A 196 -3.82 4.76 7.67
CA GLY A 196 -3.04 3.71 8.29
C GLY A 196 -2.81 2.61 7.28
N ASP A 197 -3.71 2.49 6.28
CA ASP A 197 -3.54 1.46 5.22
C ASP A 197 -2.73 1.98 4.05
N SER A 198 -2.40 3.32 3.96
CA SER A 198 -1.59 3.88 2.79
C SER A 198 -0.28 3.10 2.51
N GLY A 199 0.12 3.07 1.23
CA GLY A 199 1.35 2.43 0.83
C GLY A 199 1.22 0.93 0.60
N GLY A 200 0.11 0.38 1.17
CA GLY A 200 -0.19 -1.04 1.07
C GLY A 200 -0.61 -1.47 -0.31
N PRO A 201 -0.68 -2.80 -0.57
CA PRO A 201 -1.04 -3.38 -1.84
C PRO A 201 -2.55 -3.48 -2.20
N LEU A 202 -2.81 -3.21 -3.47
CA LEU A 202 -4.12 -3.45 -4.04
C LEU A 202 -3.74 -4.62 -4.97
N VAL A 203 -4.13 -5.83 -4.66
CA VAL A 203 -3.73 -6.98 -5.48
C VAL A 203 -4.90 -7.55 -6.29
N CYS A 204 -4.71 -7.65 -7.60
CA CYS A 204 -5.76 -8.21 -8.47
C CYS A 204 -5.28 -9.46 -9.16
N SER A 205 -6.21 -10.45 -9.31
CA SER A 205 -5.88 -11.63 -10.01
C SER A 205 -6.26 -11.34 -11.47
N LEU A 206 -5.31 -11.39 -12.38
CA LEU A 206 -5.61 -11.12 -13.78
C LEU A 206 -4.96 -12.17 -14.67
N GLN A 207 -5.78 -12.83 -15.52
CA GLN A 207 -5.27 -13.89 -16.45
C GLN A 207 -4.62 -15.00 -15.61
N GLY A 208 -5.18 -15.22 -14.43
CA GLY A 208 -4.67 -16.27 -13.54
C GLY A 208 -3.52 -15.90 -12.60
N ARG A 209 -2.89 -14.75 -12.78
CA ARG A 209 -1.74 -14.34 -11.91
C ARG A 209 -2.04 -13.18 -10.95
N MET A 210 -1.61 -13.29 -9.64
CA MET A 210 -1.80 -12.20 -8.69
C MET A 210 -0.80 -11.10 -9.08
N THR A 211 -1.22 -9.83 -9.16
CA THR A 211 -0.30 -8.72 -9.58
C THR A 211 -0.57 -7.48 -8.71
N LEU A 212 0.50 -6.65 -8.51
CA LEU A 212 0.35 -5.41 -7.74
C LEU A 212 -0.21 -4.35 -8.70
N THR A 213 -1.55 -4.27 -8.71
CA THR A 213 -2.23 -3.37 -9.58
C THR A 213 -2.21 -1.94 -9.05
N GLY A 214 -2.30 -1.78 -7.70
CA GLY A 214 -2.31 -0.43 -7.15
C GLY A 214 -1.64 -0.32 -5.81
N ILE A 215 -1.42 0.91 -5.43
CA ILE A 215 -0.80 1.24 -4.12
C ILE A 215 -1.79 2.12 -3.39
N VAL A 216 -2.18 1.80 -2.19
CA VAL A 216 -3.18 2.65 -1.45
C VAL A 216 -2.63 4.07 -1.39
N SER A 217 -3.46 5.06 -1.81
CA SER A 217 -3.02 6.39 -1.85
C SER A 217 -3.96 7.36 -1.16
N TRP A 218 -5.23 7.50 -1.61
CA TRP A 218 -6.11 8.46 -0.98
C TRP A 218 -7.62 8.21 -1.05
N GLY A 219 -8.40 8.96 -0.25
CA GLY A 219 -9.86 8.81 -0.29
C GLY A 219 -10.54 9.76 0.68
N ARG A 220 -11.79 10.19 0.32
CA ARG A 220 -12.57 11.07 1.13
C ARG A 220 -13.34 10.17 2.07
N GLY A 221 -13.08 10.30 3.38
CA GLY A 221 -13.72 9.45 4.36
C GLY A 221 -13.17 8.03 4.18
N CYS A 222 -13.80 7.04 4.89
CA CYS A 222 -13.50 5.60 4.79
C CYS A 222 -14.88 4.90 4.73
N ALA A 223 -15.12 4.16 3.62
CA ALA A 223 -16.37 3.45 3.34
C ALA A 223 -17.52 4.48 3.36
N LEU A 224 -17.30 5.59 2.75
CA LEU A 224 -18.31 6.65 2.74
C LEU A 224 -18.98 6.56 1.37
N LYS A 225 -20.31 6.67 1.32
CA LYS A 225 -21.02 6.58 0.00
C LYS A 225 -20.52 7.52 -1.10
N ASP A 226 -20.37 6.96 -2.34
CA ASP A 226 -19.89 7.68 -3.57
C ASP A 226 -18.46 8.20 -3.48
N LYS A 227 -17.66 7.69 -2.54
CA LYS A 227 -16.24 8.15 -2.41
C LYS A 227 -15.35 6.89 -2.36
N PRO A 228 -14.92 6.37 -3.52
CA PRO A 228 -14.06 5.15 -3.53
C PRO A 228 -12.65 5.42 -2.99
N GLY A 229 -11.87 4.32 -2.75
CA GLY A 229 -10.49 4.49 -2.38
C GLY A 229 -9.81 4.79 -3.73
N VAL A 230 -8.65 5.57 -3.76
CA VAL A 230 -7.99 5.88 -4.96
C VAL A 230 -6.58 5.31 -4.75
N TYR A 231 -6.12 4.73 -5.80
CA TYR A 231 -4.84 3.98 -5.81
C TYR A 231 -3.94 4.38 -6.95
N THR A 232 -2.59 4.44 -6.69
CA THR A 232 -1.61 4.75 -7.72
C THR A 232 -1.67 3.61 -8.79
N ARG A 233 -1.78 3.90 -10.02
CA ARG A 233 -1.85 2.84 -11.09
C ARG A 233 -0.44 2.46 -11.53
N VAL A 234 0.01 1.38 -10.89
CA VAL A 234 1.36 0.85 -11.11
C VAL A 234 1.77 0.70 -12.58
N SER A 235 0.86 0.23 -13.49
CA SER A 235 1.21 0.05 -14.92
C SER A 235 1.77 1.29 -15.60
N HIS A 236 1.31 2.50 -15.18
CA HIS A 236 1.79 3.70 -15.78
C HIS A 236 3.24 3.90 -15.43
N PHE A 237 3.63 3.47 -14.24
CA PHE A 237 5.00 3.68 -13.75
C PHE A 237 6.06 2.60 -13.99
N LEU A 238 5.82 1.66 -14.89
CA LEU A 238 6.82 0.65 -15.18
C LEU A 238 8.16 1.25 -15.65
N PRO A 239 8.15 2.27 -16.59
CA PRO A 239 9.45 2.88 -17.06
C PRO A 239 10.26 3.44 -15.89
N TRP A 240 9.56 4.14 -14.96
CA TRP A 240 10.22 4.76 -13.73
C TRP A 240 10.70 3.68 -12.73
N ILE A 241 9.92 2.58 -12.54
CA ILE A 241 10.30 1.50 -11.60
C ILE A 241 11.57 0.79 -12.07
N ARG A 242 11.63 0.49 -13.36
CA ARG A 242 12.78 -0.22 -13.94
C ARG A 242 14.03 0.67 -13.94
N SER A 243 13.84 1.92 -14.20
CA SER A 243 14.96 2.86 -14.23
C SER A 243 15.60 3.12 -12.85
N HIS A 244 14.79 3.19 -11.85
CA HIS A 244 15.28 3.44 -10.53
C HIS A 244 15.62 2.17 -9.78
N THR A 245 15.33 0.97 -10.29
CA THR A 245 15.74 -0.24 -9.51
C THR A 245 16.98 -0.87 -10.17
S SO4 B . 19.21 15.78 11.44
O1 SO4 B . 19.78 14.99 12.53
O2 SO4 B . 20.10 16.07 10.40
O3 SO4 B . 18.63 16.98 11.89
O4 SO4 B . 18.21 14.87 10.88
S SO4 C . -1.82 7.66 6.13
O1 SO4 C . -1.28 7.38 7.45
O2 SO4 C . -0.85 8.13 5.22
O3 SO4 C . -2.69 8.79 6.36
O4 SO4 C . -2.55 6.46 5.75
S SO4 D . 0.18 4.44 -19.88
O1 SO4 D . -0.61 4.82 -20.98
O2 SO4 D . -0.18 5.29 -18.83
O3 SO4 D . 1.54 4.60 -20.19
O4 SO4 D . -0.21 3.09 -19.56
C1 UI2 E . -5.57 8.48 4.53
C2 UI2 E . -5.46 7.52 3.49
C3 UI2 E . -6.64 6.97 2.87
C4 UI2 E . -7.91 7.45 3.33
C5 UI2 E . -8.06 8.44 4.33
C6 UI2 E . -6.87 8.94 4.94
C10 UI2 E . -6.48 5.99 1.88
C11 UI2 E . -7.68 5.39 1.40
C12 UI2 E . -8.97 5.78 1.86
C13 UI2 E . -9.12 6.82 2.77
N17 UI2 E . -9.33 8.98 4.74
C18 UI2 E . -9.81 9.02 6.05
N19 UI2 E . -9.20 8.41 7.10
C20 UI2 E . -9.67 8.39 8.38
C21 UI2 E . -10.94 9.03 8.72
C22 UI2 E . -11.53 9.62 7.53
N23 UI2 E . -11.04 9.65 6.31
C28 UI2 E . -10.16 5.18 1.45
N29 UI2 E . -10.18 3.99 0.90
N30 UI2 E . -11.39 5.74 1.57
#